data_8JM8
#
_entry.id   8JM8
#
_cell.length_a   49.339
_cell.length_b   90.442
_cell.length_c   125.498
_cell.angle_alpha   90.00
_cell.angle_beta   90.00
_cell.angle_gamma   90.00
#
_symmetry.space_group_name_H-M   'P 21 21 21'
#
loop_
_entity.id
_entity.type
_entity.pdbx_description
1 polymer '(R)-mandelonitrile lyase'
2 branched 2-acetamido-2-deoxy-beta-D-glucopyranose-(1-4)-2-acetamido-2-deoxy-beta-D-glucopyranose
3 non-polymer (R)-2-(2,2-dimethyl-4H-benzo[d][1,3]dioxin-6-yl)-2-hydroxyacetonitrile
4 non-polymer 2-acetamido-2-deoxy-beta-D-glucopyranose
5 non-polymer 'FLAVIN-ADENINE DINUCLEOTIDE'
6 non-polymer DI(HYDROXYETHYL)ETHER
7 non-polymer 1,2-ETHANEDIOL
8 water water
#
_entity_poly.entity_id   1
_entity_poly.type   'polypeptide(L)'
_entity_poly.pdbx_seq_one_letter_code
;IDHHHHHHLANTSAHDFSYLKFVYNATDTSLEGSYDYIVIGGGTSGCPLAATLSEKYKVLLLERGTIATEYPNTLTADGF
AYNLQQQDDGKTPVERFVSEDGIDNVRARILGGTTIINAGVYARANISFYSQTGIEWDLDLVNKTYEWVEDAIVVKPNNQ
SWQSVIGEGFLEAGILPDNGFSLDHEAGTRLTGSTFDNNGTRHAADELLNKGDPNNLLVAVQASVEKILFSSNTSNLSAI
GVIYTDSDGNSHQAFVRGNGEVIVSAGTIGTPQLLLLSGVGPESYLSSLNITVVQPNPYVGQFVYDNPRNFINILPPNPI
EASVVTVLGIRSDYYQVSASVLPFSTPLFSLFPTTSYPLPNSTFAHIVSQVPGPLSHGSVTLNSSSDVRIAPNIKFNYYS
NSTDLANCVSGMKKLGDLLRTKALEPYKARDVLGIDGFNYLGVPLPENQTDDASFETFCLDNVASYWHYHGGSLVGKVLD
DSFRVMGIKALRVVDASTFPYEPNSHPQGFYLMLGRYVGLQILQERSIRLEAIHNIQESM
;
_entity_poly.pdbx_strand_id   A
#
loop_
_chem_comp.id
_chem_comp.type
_chem_comp.name
_chem_comp.formula
E2Y non-polymer (R)-2-(2,2-dimethyl-4H-benzo[d][1,3]dioxin-6-yl)-2-hydroxyacetonitrile 'C12 H13 N O3'
EDO non-polymer 1,2-ETHANEDIOL 'C2 H6 O2'
FAD non-polymer 'FLAVIN-ADENINE DINUCLEOTIDE' 'C27 H33 N9 O15 P2'
NAG D-saccharide, beta linking 2-acetamido-2-deoxy-beta-D-glucopyranose 'C8 H15 N O6'
PEG non-polymer DI(HYDROXYETHYL)ETHER 'C4 H10 O3'
#
# COMPACT_ATOMS: atom_id res chain seq x y z
N LEU A 9 3.82 -3.93 21.70
CA LEU A 9 4.34 -4.52 20.45
C LEU A 9 4.17 -6.04 20.52
N ALA A 10 4.00 -6.65 19.36
CA ALA A 10 3.92 -8.11 19.20
C ALA A 10 5.28 -8.74 19.49
N ASN A 11 5.25 -10.04 19.75
CA ASN A 11 6.44 -10.89 19.94
C ASN A 11 6.61 -11.71 18.66
N THR A 12 7.83 -12.21 18.44
CA THR A 12 8.16 -13.32 17.51
C THR A 12 7.17 -14.46 17.74
N SER A 13 6.47 -14.87 16.69
CA SER A 13 5.42 -15.90 16.78
C SER A 13 4.98 -16.33 15.39
N ALA A 14 4.39 -17.52 15.28
CA ALA A 14 3.88 -18.04 13.99
C ALA A 14 2.80 -17.08 13.46
N HIS A 15 2.67 -17.05 12.14
CA HIS A 15 1.52 -16.38 11.47
C HIS A 15 0.20 -17.06 11.92
N ASP A 16 -0.72 -16.28 12.46
CA ASP A 16 -1.92 -16.84 13.14
C ASP A 16 -3.07 -16.97 12.13
N PHE A 17 -3.34 -18.19 11.65
CA PHE A 17 -4.42 -18.55 10.72
C PHE A 17 -5.67 -19.08 11.44
N SER A 18 -5.88 -18.75 12.71
CA SER A 18 -7.09 -19.21 13.47
C SER A 18 -8.37 -18.83 12.70
N TYR A 19 -8.37 -17.67 12.06
CA TYR A 19 -9.54 -17.07 11.40
C TYR A 19 -10.01 -17.95 10.24
N LEU A 20 -9.20 -18.90 9.76
CA LEU A 20 -9.63 -19.72 8.61
C LEU A 20 -10.86 -20.51 9.02
N LYS A 21 -11.18 -20.58 10.31
CA LYS A 21 -12.37 -21.34 10.74
C LYS A 21 -13.65 -20.67 10.24
N PHE A 22 -13.61 -19.39 9.86
CA PHE A 22 -14.79 -18.67 9.29
C PHE A 22 -14.43 -18.11 7.90
N VAL A 23 -13.54 -18.77 7.18
CA VAL A 23 -13.24 -18.44 5.75
C VAL A 23 -13.83 -19.52 4.85
N TYR A 24 -14.61 -19.12 3.84
CA TYR A 24 -15.31 -20.05 2.93
C TYR A 24 -14.99 -19.66 1.49
N ASN A 25 -15.11 -20.65 0.64
CA ASN A 25 -15.09 -20.47 -0.83
C ASN A 25 -16.35 -19.69 -1.25
N ALA A 26 -16.21 -18.68 -2.11
CA ALA A 26 -17.34 -17.93 -2.66
C ALA A 26 -18.27 -18.83 -3.48
N THR A 27 -17.84 -20.02 -3.87
CA THR A 27 -18.72 -21.02 -4.51
C THR A 27 -19.88 -21.46 -3.59
N ASP A 28 -19.76 -21.19 -2.29
CA ASP A 28 -20.79 -21.57 -1.30
C ASP A 28 -21.97 -20.60 -1.41
N THR A 29 -23.11 -21.04 -1.97
CA THR A 29 -24.32 -20.19 -2.13
C THR A 29 -24.99 -19.93 -0.76
N SER A 30 -24.67 -20.66 0.30
CA SER A 30 -25.25 -20.39 1.64
C SER A 30 -24.65 -19.13 2.24
N LEU A 31 -23.66 -18.52 1.61
CA LEU A 31 -23.20 -17.15 2.00
C LEU A 31 -24.12 -16.08 1.46
N GLU A 32 -24.89 -16.37 0.42
CA GLU A 32 -25.83 -15.39 -0.17
C GLU A 32 -26.93 -15.12 0.83
N GLY A 33 -27.25 -13.85 1.02
CA GLY A 33 -28.29 -13.44 1.95
C GLY A 33 -28.14 -12.03 2.42
N SER A 34 -28.74 -11.73 3.58
CA SER A 34 -28.61 -10.38 4.19
C SER A 34 -27.67 -10.30 5.42
N TYR A 35 -26.81 -9.27 5.41
CA TYR A 35 -25.85 -9.00 6.52
C TYR A 35 -26.09 -7.59 7.04
N ASP A 36 -25.50 -7.22 8.16
CA ASP A 36 -25.48 -5.81 8.62
C ASP A 36 -24.45 -5.02 7.81
N TYR A 37 -23.29 -5.60 7.53
CA TYR A 37 -22.24 -4.93 6.71
C TYR A 37 -21.66 -5.90 5.71
N ILE A 38 -21.34 -5.36 4.53
CA ILE A 38 -20.54 -6.06 3.51
C ILE A 38 -19.29 -5.24 3.35
N VAL A 39 -18.15 -5.86 3.46
CA VAL A 39 -16.85 -5.19 3.22
C VAL A 39 -16.29 -5.79 1.92
N ILE A 40 -15.93 -4.93 0.97
CA ILE A 40 -15.38 -5.36 -0.34
C ILE A 40 -13.88 -5.15 -0.34
N GLY A 41 -13.13 -6.26 -0.35
CA GLY A 41 -11.68 -6.24 -0.34
C GLY A 41 -11.15 -6.58 1.05
N GLY A 42 -10.61 -7.78 1.20
CA GLY A 42 -10.01 -8.22 2.46
C GLY A 42 -8.58 -7.76 2.60
N GLY A 43 -8.35 -6.46 2.58
CA GLY A 43 -6.96 -5.96 2.52
C GLY A 43 -6.53 -5.25 3.78
N THR A 44 -5.67 -4.26 3.59
CA THR A 44 -5.00 -3.53 4.68
C THR A 44 -6.06 -2.86 5.58
N SER A 45 -6.95 -2.06 5.00
CA SER A 45 -8.09 -1.42 5.70
C SER A 45 -9.24 -2.44 5.88
N GLY A 46 -9.57 -3.22 4.87
CA GLY A 46 -10.79 -4.05 4.94
C GLY A 46 -10.75 -5.07 6.07
N CYS A 47 -9.64 -5.76 6.31
CA CYS A 47 -9.60 -6.83 7.37
C CYS A 47 -9.87 -6.22 8.75
N PRO A 48 -9.15 -5.15 9.19
CA PRO A 48 -9.46 -4.57 10.50
C PRO A 48 -10.87 -3.93 10.57
N LEU A 49 -11.39 -3.37 9.48
CA LEU A 49 -12.77 -2.85 9.40
C LEU A 49 -13.75 -4.00 9.67
N ALA A 50 -13.61 -5.10 8.96
CA ALA A 50 -14.61 -6.19 9.07
C ALA A 50 -14.52 -6.77 10.48
N ALA A 51 -13.30 -6.99 11.00
CA ALA A 51 -13.15 -7.56 12.35
C ALA A 51 -13.86 -6.62 13.35
N THR A 52 -13.67 -5.31 13.20
CA THR A 52 -14.21 -4.30 14.16
C THR A 52 -15.74 -4.31 14.09
N LEU A 53 -16.32 -4.31 12.89
CA LEU A 53 -17.78 -4.30 12.76
C LEU A 53 -18.34 -5.60 13.34
N SER A 54 -17.61 -6.72 13.22
CA SER A 54 -18.11 -8.03 13.66
C SER A 54 -18.23 -8.10 15.19
N GLU A 55 -17.64 -7.16 15.94
CA GLU A 55 -17.82 -7.14 17.43
C GLU A 55 -19.30 -7.06 17.77
N LYS A 56 -20.08 -6.41 16.92
CA LYS A 56 -21.50 -6.14 17.23
C LYS A 56 -22.45 -6.69 16.19
N TYR A 57 -22.04 -6.84 14.93
CA TYR A 57 -22.96 -6.98 13.78
C TYR A 57 -22.50 -8.13 12.88
N LYS A 58 -23.42 -8.60 12.03
CA LYS A 58 -23.15 -9.70 11.07
C LYS A 58 -22.45 -9.08 9.87
N VAL A 59 -21.26 -9.58 9.57
CA VAL A 59 -20.35 -9.01 8.52
C VAL A 59 -20.00 -10.08 7.49
N LEU A 60 -20.05 -9.70 6.21
CA LEU A 60 -19.50 -10.50 5.09
C LEU A 60 -18.31 -9.75 4.49
N LEU A 61 -17.14 -10.33 4.59
CA LEU A 61 -15.91 -9.77 3.95
C LEU A 61 -15.69 -10.54 2.65
N LEU A 62 -15.62 -9.83 1.52
CA LEU A 62 -15.48 -10.47 0.17
C LEU A 62 -14.11 -10.10 -0.39
N GLU A 63 -13.31 -11.10 -0.68
CA GLU A 63 -11.92 -10.93 -1.22
C GLU A 63 -11.79 -11.71 -2.50
N ARG A 64 -11.26 -11.07 -3.55
CA ARG A 64 -11.09 -11.72 -4.87
C ARG A 64 -9.96 -12.77 -4.79
N GLY A 65 -8.92 -12.55 -3.99
CA GLY A 65 -7.80 -13.50 -3.88
C GLY A 65 -8.11 -14.71 -3.03
N THR A 66 -7.16 -15.66 -2.97
CA THR A 66 -7.24 -16.83 -2.07
C THR A 66 -6.51 -16.55 -0.74
N ILE A 67 -6.39 -17.59 0.06
CA ILE A 67 -5.70 -17.50 1.39
C ILE A 67 -4.19 -17.62 1.22
N ALA A 68 -3.45 -16.99 2.12
CA ALA A 68 -1.98 -16.83 1.99
C ALA A 68 -1.30 -18.20 2.11
N THR A 69 -1.93 -19.18 2.74
CA THR A 69 -1.33 -20.54 2.88
C THR A 69 -1.13 -21.19 1.52
N GLU A 70 -1.86 -20.78 0.46
CA GLU A 70 -1.68 -21.32 -0.91
C GLU A 70 -0.34 -20.87 -1.51
N TYR A 71 0.25 -19.79 -1.00
CA TYR A 71 1.47 -19.15 -1.51
C TYR A 71 2.41 -18.87 -0.33
N PRO A 72 3.05 -19.93 0.16
CA PRO A 72 3.84 -19.83 1.38
C PRO A 72 4.98 -18.81 1.37
N ASN A 73 5.48 -18.45 0.18
CA ASN A 73 6.54 -17.42 0.06
C ASN A 73 5.99 -16.04 0.46
N THR A 74 4.68 -15.93 0.66
CA THR A 74 4.14 -14.64 1.18
C THR A 74 4.39 -14.55 2.70
N LEU A 75 4.77 -15.63 3.37
CA LEU A 75 4.76 -15.66 4.87
C LEU A 75 6.13 -15.46 5.48
N THR A 76 7.16 -15.17 4.68
CA THR A 76 8.52 -14.90 5.21
C THR A 76 9.13 -13.70 4.51
N ALA A 77 10.03 -13.02 5.21
CA ALA A 77 10.90 -12.01 4.60
C ALA A 77 11.70 -12.62 3.45
N ASP A 78 12.24 -13.82 3.62
CA ASP A 78 13.05 -14.52 2.59
C ASP A 78 12.21 -14.82 1.33
N GLY A 79 10.88 -14.81 1.40
CA GLY A 79 10.02 -15.08 0.23
C GLY A 79 9.57 -13.84 -0.51
N PHE A 80 9.95 -12.66 -0.07
CA PHE A 80 9.47 -11.38 -0.69
C PHE A 80 9.78 -11.39 -2.19
N ALA A 81 11.05 -11.67 -2.53
CA ALA A 81 11.52 -11.64 -3.92
C ALA A 81 10.70 -12.62 -4.77
N TYR A 82 10.47 -13.83 -4.27
CA TYR A 82 9.78 -14.92 -4.98
C TYR A 82 8.42 -14.42 -5.50
N ASN A 83 7.69 -13.71 -4.66
CA ASN A 83 6.33 -13.24 -5.03
C ASN A 83 6.42 -12.26 -6.21
N LEU A 84 7.48 -11.44 -6.28
CA LEU A 84 7.67 -10.46 -7.38
C LEU A 84 8.31 -11.14 -8.59
N GLN A 85 9.01 -12.25 -8.41
CA GLN A 85 9.63 -12.99 -9.54
C GLN A 85 8.63 -13.90 -10.24
N GLN A 86 7.58 -14.26 -9.51
CA GLN A 86 6.53 -15.21 -9.95
C GLN A 86 5.73 -14.60 -11.11
N GLN A 87 5.55 -15.37 -12.18
CA GLN A 87 4.66 -15.05 -13.32
C GLN A 87 3.22 -14.87 -12.83
N ASP A 88 2.58 -13.81 -13.29
CA ASP A 88 1.16 -13.49 -12.95
C ASP A 88 0.23 -14.34 -13.82
N ASP A 89 -0.34 -15.40 -13.22
CA ASP A 89 -1.26 -16.34 -13.90
C ASP A 89 -2.73 -16.03 -13.57
N GLY A 90 -3.02 -14.90 -12.93
CA GLY A 90 -4.39 -14.52 -12.59
C GLY A 90 -4.77 -14.94 -11.18
N LYS A 91 -4.03 -15.84 -10.56
CA LYS A 91 -4.39 -16.44 -9.25
C LYS A 91 -3.32 -16.13 -8.20
N THR A 92 -2.15 -15.65 -8.64
CA THR A 92 -1.01 -15.41 -7.72
C THR A 92 -1.31 -14.22 -6.81
N PRO A 93 -0.62 -14.10 -5.67
CA PRO A 93 -0.87 -12.97 -4.76
C PRO A 93 -0.41 -11.62 -5.29
N VAL A 94 0.51 -11.62 -6.23
CA VAL A 94 0.97 -10.36 -6.87
C VAL A 94 0.32 -10.24 -8.24
N GLU A 95 -0.49 -9.23 -8.44
CA GLU A 95 -1.00 -8.85 -9.76
C GLU A 95 -0.09 -7.81 -10.36
N ARG A 96 0.47 -8.08 -11.54
CA ARG A 96 1.40 -7.17 -12.26
C ARG A 96 0.57 -6.18 -13.10
N PHE A 97 0.98 -4.92 -13.14
CA PHE A 97 0.44 -3.94 -14.12
C PHE A 97 1.57 -3.03 -14.55
N VAL A 98 1.29 -2.27 -15.60
CA VAL A 98 2.17 -1.19 -16.09
C VAL A 98 1.28 0.05 -16.18
N SER A 99 1.72 1.15 -15.63
CA SER A 99 0.98 2.41 -15.75
C SER A 99 1.15 2.90 -17.18
N GLU A 100 0.30 3.81 -17.60
CA GLU A 100 0.34 4.39 -18.95
C GLU A 100 1.61 5.24 -19.08
N ASP A 101 2.27 5.57 -17.97
CA ASP A 101 3.57 6.25 -17.98
C ASP A 101 4.68 5.31 -18.47
N GLY A 102 4.47 4.00 -18.41
CA GLY A 102 5.46 2.98 -18.78
C GLY A 102 6.22 2.43 -17.61
N ILE A 103 5.72 2.61 -16.37
CA ILE A 103 6.38 2.14 -15.14
C ILE A 103 5.69 0.87 -14.61
N ASP A 104 6.44 -0.22 -14.49
CA ASP A 104 5.97 -1.52 -13.97
C ASP A 104 5.56 -1.37 -12.51
N ASN A 105 4.56 -2.12 -12.10
CA ASN A 105 3.98 -1.95 -10.75
C ASN A 105 3.23 -3.22 -10.39
N VAL A 106 2.81 -3.34 -9.12
CA VAL A 106 2.10 -4.53 -8.61
C VAL A 106 1.03 -4.07 -7.63
N ARG A 107 -0.02 -4.87 -7.52
CA ARG A 107 -0.97 -4.80 -6.39
C ARG A 107 -1.27 -6.21 -5.92
N ALA A 108 -1.82 -6.31 -4.72
CA ALA A 108 -2.06 -7.60 -4.08
C ALA A 108 -3.36 -8.21 -4.58
N ARG A 109 -3.41 -9.52 -4.55
CA ARG A 109 -4.62 -10.30 -4.90
C ARG A 109 -4.65 -11.45 -3.90
N ILE A 110 -5.00 -11.19 -2.65
CA ILE A 110 -4.80 -12.21 -1.59
C ILE A 110 -5.49 -11.71 -0.33
N LEU A 111 -6.00 -12.63 0.48
CA LEU A 111 -6.64 -12.23 1.76
C LEU A 111 -5.56 -11.74 2.72
N GLY A 112 -5.69 -10.48 3.14
CA GLY A 112 -4.63 -9.67 3.76
C GLY A 112 -4.14 -8.54 2.89
N GLY A 113 -4.47 -8.57 1.58
CA GLY A 113 -4.10 -7.48 0.66
C GLY A 113 -2.61 -7.27 0.63
N THR A 114 -2.25 -6.02 0.49
CA THR A 114 -0.85 -5.67 0.20
C THR A 114 0.04 -5.90 1.42
N THR A 115 -0.52 -6.04 2.63
CA THR A 115 0.28 -6.38 3.82
C THR A 115 0.83 -7.79 3.71
N ILE A 116 0.35 -8.58 2.74
CA ILE A 116 0.87 -9.97 2.53
C ILE A 116 2.09 -9.96 1.58
N ILE A 117 2.34 -8.90 0.82
CA ILE A 117 3.37 -8.92 -0.24
C ILE A 117 4.37 -7.77 -0.06
N ASN A 118 4.21 -6.95 0.99
CA ASN A 118 4.93 -5.66 1.04
C ASN A 118 6.26 -5.80 1.77
N ALA A 119 6.97 -4.68 1.93
CA ALA A 119 8.34 -4.69 2.47
C ALA A 119 8.34 -4.63 4.00
N GLY A 120 7.17 -4.64 4.62
CA GLY A 120 6.99 -4.78 6.07
C GLY A 120 7.26 -3.55 6.92
N VAL A 121 7.60 -2.40 6.34
CA VAL A 121 7.96 -1.21 7.16
C VAL A 121 6.73 -0.66 7.85
N TYR A 122 6.81 -0.45 9.16
CA TYR A 122 5.67 0.07 9.94
C TYR A 122 5.98 1.43 10.54
N ALA A 123 5.10 2.39 10.26
CA ALA A 123 5.17 3.77 10.79
C ALA A 123 3.76 4.24 11.12
N ARG A 124 3.66 5.09 12.11
CA ARG A 124 2.43 5.90 12.37
C ARG A 124 2.45 7.10 11.42
N ALA A 125 1.27 7.66 11.18
CA ALA A 125 1.15 8.90 10.40
C ALA A 125 1.90 10.04 11.08
N ASN A 126 2.44 10.95 10.27
CA ASN A 126 2.92 12.28 10.74
C ASN A 126 1.85 12.89 11.64
N ILE A 127 2.19 13.27 12.88
CA ILE A 127 1.12 13.69 13.82
C ILE A 127 0.43 14.97 13.33
N SER A 128 1.04 15.73 12.43
CA SER A 128 0.43 16.95 11.82
C SER A 128 -0.59 16.59 10.72
N PHE A 129 -0.66 15.33 10.30
CA PHE A 129 -1.54 14.96 9.16
C PHE A 129 -3.00 15.24 9.52
N TYR A 130 -3.43 14.92 10.74
CA TYR A 130 -4.87 14.93 11.12
C TYR A 130 -5.39 16.38 11.00
N SER A 131 -4.68 17.34 11.55
CA SER A 131 -5.03 18.79 11.39
C SER A 131 -4.94 19.22 9.91
N GLN A 132 -3.99 18.71 9.13
CA GLN A 132 -3.87 19.08 7.69
C GLN A 132 -5.16 18.68 6.97
N THR A 133 -5.83 17.58 7.36
CA THR A 133 -7.01 17.05 6.61
C THR A 133 -8.29 17.88 6.83
N GLY A 134 -8.41 18.63 7.93
CA GLY A 134 -9.65 19.31 8.34
C GLY A 134 -10.78 18.37 8.74
N ILE A 135 -10.52 17.08 8.91
CA ILE A 135 -11.47 16.08 9.47
C ILE A 135 -11.45 16.27 10.99
N GLU A 136 -12.59 16.07 11.63
CA GLU A 136 -12.70 16.08 13.11
C GLU A 136 -12.33 14.67 13.62
N TRP A 137 -11.05 14.41 13.80
CA TRP A 137 -10.57 13.11 14.31
C TRP A 137 -10.74 13.02 15.84
N ASP A 138 -11.06 11.85 16.33
CA ASP A 138 -10.92 11.49 17.74
C ASP A 138 -9.47 11.03 17.91
N LEU A 139 -8.61 11.93 18.31
CA LEU A 139 -7.17 11.64 18.31
C LEU A 139 -6.81 10.61 19.39
N ASP A 140 -7.46 10.62 20.56
CA ASP A 140 -7.19 9.60 21.61
C ASP A 140 -7.50 8.23 20.96
N LEU A 141 -8.60 8.15 20.23
CA LEU A 141 -9.01 6.85 19.65
C LEU A 141 -8.06 6.43 18.53
N VAL A 142 -7.54 7.37 17.77
CA VAL A 142 -6.54 7.05 16.71
C VAL A 142 -5.37 6.30 17.38
N ASN A 143 -4.85 6.86 18.49
CA ASN A 143 -3.69 6.28 19.18
C ASN A 143 -4.05 4.94 19.79
N LYS A 144 -5.23 4.78 20.38
CA LYS A 144 -5.66 3.47 20.93
C LYS A 144 -5.67 2.45 19.80
N THR A 145 -6.12 2.85 18.61
CA THR A 145 -6.25 1.94 17.47
C THR A 145 -4.89 1.59 16.87
N TYR A 146 -3.95 2.54 16.81
CA TYR A 146 -2.54 2.20 16.48
C TYR A 146 -2.02 1.12 17.44
N GLU A 147 -2.31 1.23 18.75
CA GLU A 147 -1.81 0.23 19.75
C GLU A 147 -2.48 -1.13 19.53
N TRP A 148 -3.74 -1.17 19.15
CA TRP A 148 -4.47 -2.41 18.84
C TRP A 148 -3.79 -3.12 17.67
N VAL A 149 -3.41 -2.39 16.64
CA VAL A 149 -2.68 -2.95 15.47
C VAL A 149 -1.28 -3.40 15.92
N GLU A 150 -0.57 -2.57 16.63
CA GLU A 150 0.86 -2.82 16.97
C GLU A 150 0.97 -4.05 17.90
N ASP A 151 0.03 -4.17 18.82
CA ASP A 151 0.03 -5.28 19.82
C ASP A 151 -0.09 -6.62 19.07
N ALA A 152 -0.76 -6.63 17.90
CA ALA A 152 -1.07 -7.82 17.09
C ALA A 152 0.12 -8.18 16.22
N ILE A 153 0.68 -7.23 15.44
CA ILE A 153 1.50 -7.59 14.25
C ILE A 153 2.81 -6.78 14.08
N VAL A 154 3.15 -5.88 14.99
CA VAL A 154 4.37 -5.03 14.86
C VAL A 154 5.42 -5.41 15.88
N VAL A 155 6.67 -5.55 15.43
CA VAL A 155 7.80 -5.79 16.37
C VAL A 155 8.80 -4.67 16.32
N LYS A 156 9.60 -4.62 17.38
CA LYS A 156 10.87 -3.86 17.37
C LYS A 156 11.88 -4.76 16.66
N PRO A 157 12.40 -4.32 15.50
CA PRO A 157 13.39 -5.11 14.77
C PRO A 157 14.66 -5.29 15.60
N ASN A 158 15.29 -6.44 15.38
CA ASN A 158 16.67 -6.67 15.86
C ASN A 158 17.63 -5.90 14.96
N ASN A 159 18.86 -5.73 15.45
CA ASN A 159 19.98 -5.13 14.69
C ASN A 159 20.25 -5.98 13.45
N GLN A 160 20.38 -5.30 12.31
CA GLN A 160 20.86 -5.83 11.03
C GLN A 160 22.02 -4.97 10.60
N SER A 161 23.15 -5.56 10.19
CA SER A 161 24.41 -4.80 10.04
C SER A 161 24.21 -3.69 9.00
N TRP A 162 23.56 -4.02 7.87
CA TRP A 162 23.43 -3.02 6.80
C TRP A 162 22.50 -1.89 7.25
N GLN A 163 21.40 -2.19 7.94
CA GLN A 163 20.51 -1.08 8.39
C GLN A 163 21.30 -0.18 9.34
N SER A 164 22.17 -0.76 10.16
CA SER A 164 23.01 0.05 11.10
C SER A 164 24.03 0.90 10.33
N VAL A 165 24.65 0.35 9.29
CA VAL A 165 25.53 1.15 8.37
C VAL A 165 24.72 2.32 7.83
N ILE A 166 23.55 2.04 7.29
CA ILE A 166 22.76 3.11 6.60
C ILE A 166 22.33 4.16 7.63
N GLY A 167 21.95 3.74 8.86
CA GLY A 167 21.54 4.69 9.90
C GLY A 167 22.69 5.62 10.28
N GLU A 168 23.88 5.06 10.47
CA GLU A 168 25.12 5.87 10.73
C GLU A 168 25.38 6.81 9.56
N GLY A 169 25.21 6.31 8.35
CA GLY A 169 25.34 7.12 7.12
C GLY A 169 24.36 8.27 7.15
N PHE A 170 23.07 8.01 7.40
CA PHE A 170 22.04 9.09 7.40
C PHE A 170 22.43 10.18 8.41
N LEU A 171 22.88 9.78 9.59
CA LEU A 171 23.28 10.76 10.64
C LEU A 171 24.50 11.56 10.18
N GLU A 172 25.53 10.90 9.66
CA GLU A 172 26.76 11.57 9.16
C GLU A 172 26.42 12.49 7.99
N ALA A 173 25.39 12.19 7.22
CA ALA A 173 24.95 13.00 6.07
C ALA A 173 24.05 14.13 6.54
N GLY A 174 23.82 14.28 7.84
CA GLY A 174 23.05 15.42 8.36
C GLY A 174 21.57 15.19 8.48
N ILE A 175 21.09 13.94 8.40
CA ILE A 175 19.64 13.71 8.61
C ILE A 175 19.43 13.54 10.10
N LEU A 176 19.24 14.66 10.78
CA LEU A 176 19.19 14.72 12.26
C LEU A 176 17.80 15.15 12.71
N PRO A 177 17.45 14.89 13.99
CA PRO A 177 18.30 14.16 14.93
C PRO A 177 18.21 12.64 14.92
N ASP A 178 18.98 11.99 15.79
CA ASP A 178 18.91 10.52 15.99
C ASP A 178 17.71 10.26 16.90
N ASN A 179 16.64 9.65 16.37
CA ASN A 179 15.34 9.42 17.09
C ASN A 179 15.36 8.05 17.79
N GLY A 180 16.47 7.32 17.66
CA GLY A 180 16.60 5.95 18.17
C GLY A 180 15.50 5.06 17.61
N PHE A 181 14.89 4.21 18.45
CA PHE A 181 13.73 3.36 18.02
C PHE A 181 12.44 4.15 18.26
N SER A 182 11.70 4.37 17.17
CA SER A 182 10.47 5.18 17.24
C SER A 182 9.55 4.78 16.07
N LEU A 183 8.26 4.58 16.35
CA LEU A 183 7.24 4.31 15.27
C LEU A 183 6.78 5.60 14.60
N ASP A 184 7.23 6.76 15.06
CA ASP A 184 6.66 8.03 14.56
C ASP A 184 7.43 8.53 13.34
N HIS A 185 6.68 9.11 12.41
CA HIS A 185 7.18 9.84 11.24
C HIS A 185 7.61 11.22 11.69
N GLU A 186 8.90 11.36 12.03
CA GLU A 186 9.51 12.62 12.50
C GLU A 186 10.79 12.82 11.69
N ALA A 187 11.12 14.07 11.41
CA ALA A 187 12.43 14.45 10.82
C ALA A 187 13.54 13.74 11.60
N GLY A 188 14.54 13.24 10.88
CA GLY A 188 15.74 12.59 11.43
C GLY A 188 15.81 11.12 11.07
N THR A 189 16.69 10.43 11.76
CA THR A 189 17.05 9.04 11.43
C THR A 189 16.51 8.20 12.55
N ARG A 190 15.90 7.07 12.23
CA ARG A 190 15.34 6.19 13.25
C ARG A 190 15.30 4.73 12.81
N LEU A 191 15.24 3.86 13.82
CA LEU A 191 14.76 2.48 13.68
C LEU A 191 13.25 2.50 13.85
N THR A 192 12.48 2.04 12.85
CA THR A 192 11.02 1.96 12.97
C THR A 192 10.61 0.51 13.23
N GLY A 193 9.31 0.29 13.28
CA GLY A 193 8.73 -1.04 13.45
C GLY A 193 8.76 -1.83 12.15
N SER A 194 8.48 -3.12 12.27
CA SER A 194 8.30 -3.98 11.10
C SER A 194 7.13 -4.93 11.34
N THR A 195 6.46 -5.31 10.25
CA THR A 195 5.47 -6.40 10.28
C THR A 195 6.16 -7.72 9.93
N PHE A 196 7.47 -7.75 9.64
CA PHE A 196 8.25 -9.00 9.77
C PHE A 196 8.69 -9.13 11.22
N ASP A 197 8.61 -10.31 11.82
CA ASP A 197 9.10 -10.47 13.22
C ASP A 197 10.59 -10.80 13.19
N ASN A 198 11.18 -11.02 14.37
CA ASN A 198 12.66 -11.16 14.44
C ASN A 198 13.15 -12.52 13.94
N ASN A 199 12.24 -13.44 13.66
CA ASN A 199 12.54 -14.70 12.96
C ASN A 199 12.21 -14.62 11.46
N GLY A 200 11.77 -13.47 10.92
CA GLY A 200 11.48 -13.34 9.47
C GLY A 200 10.06 -13.75 9.11
N THR A 201 9.22 -14.08 10.08
CA THR A 201 7.83 -14.49 9.86
C THR A 201 7.06 -13.22 9.53
N ARG A 202 6.30 -13.26 8.45
CA ARG A 202 5.48 -12.09 8.09
C ARG A 202 4.21 -12.11 8.94
N HIS A 203 3.83 -10.96 9.48
CA HIS A 203 2.53 -10.72 10.12
C HIS A 203 1.79 -9.67 9.31
N ALA A 204 0.49 -9.72 9.27
CA ALA A 204 -0.24 -8.98 8.21
C ALA A 204 -1.70 -8.75 8.64
N ALA A 205 -2.42 -8.01 7.82
CA ALA A 205 -3.79 -7.57 8.10
C ALA A 205 -4.71 -8.77 8.25
N ASP A 206 -4.46 -9.88 7.57
CA ASP A 206 -5.35 -11.06 7.74
C ASP A 206 -5.41 -11.47 9.22
N GLU A 207 -4.29 -11.39 9.94
CA GLU A 207 -4.24 -11.76 11.38
C GLU A 207 -5.16 -10.88 12.23
N LEU A 208 -5.53 -9.68 11.78
CA LEU A 208 -6.43 -8.81 12.52
C LEU A 208 -7.85 -9.42 12.47
N LEU A 209 -8.14 -10.31 11.54
CA LEU A 209 -9.45 -11.03 11.50
C LEU A 209 -9.56 -11.90 12.75
N ASN A 210 -8.45 -12.24 13.37
CA ASN A 210 -8.49 -13.05 14.63
C ASN A 210 -9.05 -12.23 15.79
N LYS A 211 -9.19 -10.92 15.63
CA LYS A 211 -9.80 -10.01 16.62
C LYS A 211 -11.30 -9.88 16.37
N GLY A 212 -11.83 -10.44 15.27
CA GLY A 212 -13.27 -10.45 15.00
C GLY A 212 -14.02 -11.49 15.83
N ASP A 213 -15.32 -11.31 15.93
CA ASP A 213 -16.22 -12.28 16.59
C ASP A 213 -16.49 -13.39 15.59
N PRO A 214 -16.06 -14.64 15.87
CA PRO A 214 -16.25 -15.76 14.97
C PRO A 214 -17.71 -16.19 14.79
N ASN A 215 -18.63 -15.69 15.63
CA ASN A 215 -20.08 -15.97 15.49
C ASN A 215 -20.70 -14.97 14.50
N ASN A 216 -20.00 -13.87 14.21
CA ASN A 216 -20.59 -12.74 13.43
C ASN A 216 -19.85 -12.45 12.12
N LEU A 217 -18.62 -12.93 11.98
CA LEU A 217 -17.82 -12.62 10.76
C LEU A 217 -17.76 -13.83 9.84
N LEU A 218 -18.07 -13.60 8.57
CA LEU A 218 -17.87 -14.58 7.49
C LEU A 218 -16.98 -13.91 6.44
N VAL A 219 -16.06 -14.68 5.91
CA VAL A 219 -15.08 -14.22 4.90
C VAL A 219 -15.26 -15.15 3.70
N ALA A 220 -15.55 -14.60 2.53
CA ALA A 220 -15.59 -15.36 1.25
C ALA A 220 -14.31 -15.02 0.49
N VAL A 221 -13.56 -16.04 0.07
CA VAL A 221 -12.36 -15.83 -0.80
C VAL A 221 -12.65 -16.30 -2.22
N GLN A 222 -11.80 -15.83 -3.15
CA GLN A 222 -12.08 -15.96 -4.60
C GLN A 222 -13.50 -15.47 -4.87
N ALA A 223 -13.83 -14.32 -4.30
CA ALA A 223 -15.08 -13.57 -4.48
C ALA A 223 -14.78 -12.28 -5.22
N SER A 224 -15.02 -12.25 -6.52
CA SER A 224 -14.75 -11.08 -7.36
C SER A 224 -15.98 -10.19 -7.36
N VAL A 225 -15.94 -9.08 -6.67
CA VAL A 225 -17.16 -8.24 -6.56
C VAL A 225 -17.23 -7.41 -7.84
N GLU A 226 -18.32 -7.54 -8.57
CA GLU A 226 -18.50 -7.00 -9.95
C GLU A 226 -19.30 -5.70 -9.91
N LYS A 227 -20.20 -5.55 -8.94
CA LYS A 227 -21.20 -4.46 -8.99
C LYS A 227 -21.72 -4.21 -7.61
N ILE A 228 -21.88 -2.94 -7.25
CA ILE A 228 -22.64 -2.49 -6.07
C ILE A 228 -24.09 -2.32 -6.56
N LEU A 229 -25.03 -2.88 -5.82
CA LEU A 229 -26.49 -2.79 -6.11
C LEU A 229 -27.08 -1.65 -5.29
N PHE A 230 -28.02 -0.96 -5.93
CA PHE A 230 -28.67 0.23 -5.35
C PHE A 230 -30.18 0.05 -5.30
N SER A 231 -30.77 0.82 -4.40
CA SER A 231 -32.25 0.99 -4.29
C SER A 231 -32.77 1.60 -5.58
N SER A 232 -34.05 1.36 -5.83
CA SER A 232 -34.80 1.79 -7.03
C SER A 232 -35.93 2.75 -6.63
N ASN A 236 -33.96 8.73 -2.21
CA ASN A 236 -33.03 8.31 -1.13
C ASN A 236 -32.21 7.13 -1.63
N LEU A 237 -31.40 7.38 -2.64
CA LEU A 237 -30.50 6.38 -3.22
C LEU A 237 -29.62 5.78 -2.12
N SER A 238 -29.61 4.46 -2.02
CA SER A 238 -28.87 3.69 -1.01
C SER A 238 -28.21 2.52 -1.67
N ALA A 239 -27.00 2.16 -1.23
CA ALA A 239 -26.43 0.86 -1.57
C ALA A 239 -27.21 -0.20 -0.80
N ILE A 240 -27.56 -1.30 -1.44
CA ILE A 240 -28.36 -2.37 -0.80
C ILE A 240 -27.61 -3.70 -0.89
N GLY A 241 -26.52 -3.80 -1.63
CA GLY A 241 -25.85 -5.11 -1.78
C GLY A 241 -24.80 -5.12 -2.87
N VAL A 242 -24.43 -6.32 -3.29
CA VAL A 242 -23.34 -6.58 -4.28
C VAL A 242 -23.67 -7.80 -5.10
N ILE A 243 -23.11 -7.84 -6.31
CA ILE A 243 -22.97 -9.06 -7.12
C ILE A 243 -21.52 -9.48 -7.07
N TYR A 244 -21.25 -10.77 -6.90
CA TYR A 244 -19.85 -11.24 -6.91
C TYR A 244 -19.77 -12.56 -7.65
N THR A 245 -18.64 -12.85 -8.26
CA THR A 245 -18.47 -14.11 -8.99
C THR A 245 -17.46 -14.96 -8.24
N ASP A 246 -17.63 -16.27 -8.36
CA ASP A 246 -16.72 -17.27 -7.75
C ASP A 246 -15.69 -17.74 -8.78
N SER A 247 -14.81 -18.62 -8.36
CA SER A 247 -13.65 -19.05 -9.17
C SER A 247 -14.15 -19.86 -10.38
N ASP A 248 -15.38 -20.36 -10.32
CA ASP A 248 -15.96 -21.19 -11.40
C ASP A 248 -16.65 -20.24 -12.39
N GLY A 249 -16.84 -18.96 -12.03
CA GLY A 249 -17.52 -17.99 -12.89
C GLY A 249 -18.98 -17.82 -12.53
N ASN A 250 -19.52 -18.58 -11.56
CA ASN A 250 -20.95 -18.40 -11.18
C ASN A 250 -21.14 -17.15 -10.34
N SER A 251 -22.31 -16.53 -10.47
CA SER A 251 -22.64 -15.28 -9.77
C SER A 251 -23.46 -15.52 -8.49
N HIS A 252 -23.37 -14.55 -7.60
CA HIS A 252 -23.89 -14.61 -6.22
C HIS A 252 -24.28 -13.21 -5.84
N GLN A 253 -25.30 -13.10 -5.00
CA GLN A 253 -25.67 -11.81 -4.48
C GLN A 253 -25.60 -11.84 -2.96
N ALA A 254 -25.28 -10.68 -2.36
CA ALA A 254 -25.42 -10.50 -0.89
C ALA A 254 -25.89 -9.06 -0.64
N PHE A 255 -26.70 -8.87 0.40
CA PHE A 255 -27.39 -7.59 0.66
C PHE A 255 -27.06 -7.14 2.07
N VAL A 256 -27.22 -5.83 2.30
CA VAL A 256 -27.28 -5.31 3.68
C VAL A 256 -28.75 -5.10 4.06
N ARG A 257 -28.98 -4.97 5.34
CA ARG A 257 -30.33 -4.87 5.91
C ARG A 257 -30.38 -3.68 6.87
N GLY A 258 -31.58 -3.16 7.08
CA GLY A 258 -31.83 -2.06 8.03
C GLY A 258 -30.82 -0.93 7.88
N ASN A 259 -30.16 -0.57 8.97
CA ASN A 259 -29.24 0.58 9.06
C ASN A 259 -27.81 0.19 8.69
N GLY A 260 -27.65 -0.97 8.05
CA GLY A 260 -26.32 -1.50 7.70
C GLY A 260 -25.81 -0.88 6.42
N GLU A 261 -24.58 -1.21 6.05
CA GLU A 261 -23.88 -0.47 4.98
C GLU A 261 -22.90 -1.36 4.24
N VAL A 262 -22.68 -0.98 2.99
CA VAL A 262 -21.59 -1.53 2.14
C VAL A 262 -20.36 -0.63 2.30
N ILE A 263 -19.19 -1.21 2.50
CA ILE A 263 -17.93 -0.44 2.47
C ILE A 263 -17.01 -1.03 1.42
N VAL A 264 -16.54 -0.16 0.52
CA VAL A 264 -15.53 -0.54 -0.50
C VAL A 264 -14.17 -0.32 0.14
N SER A 265 -13.40 -1.38 0.21
CA SER A 265 -12.00 -1.40 0.70
C SER A 265 -11.09 -2.08 -0.33
N ALA A 266 -11.32 -1.82 -1.63
CA ALA A 266 -10.70 -2.59 -2.74
C ALA A 266 -9.42 -1.91 -3.27
N GLY A 267 -8.90 -0.91 -2.55
CA GLY A 267 -7.62 -0.27 -2.85
C GLY A 267 -7.75 0.87 -3.86
N THR A 268 -6.62 1.53 -4.07
CA THR A 268 -6.52 2.69 -4.95
C THR A 268 -7.03 2.33 -6.35
N ILE A 269 -6.76 1.11 -6.78
CA ILE A 269 -7.14 0.64 -8.14
C ILE A 269 -8.58 0.06 -8.09
N GLY A 270 -8.83 -0.83 -7.14
CA GLY A 270 -10.09 -1.58 -7.14
C GLY A 270 -11.30 -0.75 -6.74
N THR A 271 -11.14 0.19 -5.81
CA THR A 271 -12.28 0.99 -5.36
C THR A 271 -12.85 1.81 -6.53
N PRO A 272 -12.07 2.68 -7.19
CA PRO A 272 -12.63 3.50 -8.26
C PRO A 272 -13.14 2.66 -9.45
N GLN A 273 -12.46 1.57 -9.72
CA GLN A 273 -12.94 0.60 -10.73
C GLN A 273 -14.39 0.19 -10.39
N LEU A 274 -14.62 -0.31 -9.20
CA LEU A 274 -15.94 -0.86 -8.87
C LEU A 274 -16.99 0.25 -8.79
N LEU A 275 -16.64 1.42 -8.24
CA LEU A 275 -17.53 2.60 -8.29
C LEU A 275 -17.93 2.95 -9.72
N LEU A 276 -16.96 3.00 -10.64
CA LEU A 276 -17.27 3.34 -12.06
C LEU A 276 -18.16 2.24 -12.66
N LEU A 277 -17.84 0.97 -12.47
CA LEU A 277 -18.67 -0.14 -13.01
C LEU A 277 -20.10 -0.07 -12.49
N SER A 278 -20.29 0.46 -11.27
CA SER A 278 -21.58 0.52 -10.56
C SER A 278 -22.32 1.83 -10.89
N GLY A 279 -21.84 2.69 -11.77
CA GLY A 279 -22.58 3.93 -12.15
C GLY A 279 -22.36 5.11 -11.20
N VAL A 280 -21.30 5.07 -10.40
CA VAL A 280 -20.90 6.19 -9.52
C VAL A 280 -19.64 6.80 -10.13
N GLY A 281 -19.75 7.96 -10.70
CA GLY A 281 -18.59 8.57 -11.34
C GLY A 281 -18.99 9.62 -12.35
N PRO A 282 -18.04 10.05 -13.18
CA PRO A 282 -18.29 11.23 -14.01
C PRO A 282 -19.35 10.93 -15.08
N GLU A 283 -20.36 11.78 -15.13
CA GLU A 283 -21.57 11.58 -15.97
C GLU A 283 -21.18 11.43 -17.45
N SER A 284 -20.41 12.36 -18.00
CA SER A 284 -20.07 12.36 -19.43
C SER A 284 -19.22 11.11 -19.74
N TYR A 285 -18.27 10.76 -18.88
CA TYR A 285 -17.47 9.53 -19.09
C TYR A 285 -18.37 8.29 -19.04
N LEU A 286 -19.16 8.14 -17.97
CA LEU A 286 -20.01 6.92 -17.83
C LEU A 286 -21.05 6.86 -18.94
N SER A 287 -21.73 7.95 -19.26
CA SER A 287 -22.69 7.96 -20.39
C SER A 287 -21.98 7.59 -21.69
N SER A 288 -20.74 7.98 -21.88
CA SER A 288 -19.97 7.67 -23.12
C SER A 288 -19.75 6.14 -23.21
N LEU A 289 -19.71 5.41 -22.09
CA LEU A 289 -19.59 3.93 -22.08
C LEU A 289 -20.96 3.24 -22.01
N ASN A 290 -22.06 4.00 -21.99
CA ASN A 290 -23.42 3.46 -21.79
C ASN A 290 -23.48 2.70 -20.47
N ILE A 291 -22.78 3.18 -19.46
CA ILE A 291 -23.02 2.75 -18.07
C ILE A 291 -24.06 3.69 -17.45
N THR A 292 -25.17 3.16 -16.99
CA THR A 292 -26.22 4.00 -16.35
C THR A 292 -25.61 4.65 -15.12
N VAL A 293 -25.81 5.97 -15.05
CA VAL A 293 -25.30 6.80 -13.93
C VAL A 293 -26.32 6.78 -12.80
N VAL A 294 -25.88 6.32 -11.65
CA VAL A 294 -26.70 6.31 -10.41
C VAL A 294 -26.36 7.57 -9.64
N GLN A 295 -25.09 7.97 -9.68
CA GLN A 295 -24.67 9.19 -8.93
C GLN A 295 -23.51 9.85 -9.65
N PRO A 296 -23.75 11.01 -10.28
CA PRO A 296 -22.68 11.71 -10.96
C PRO A 296 -21.68 12.28 -9.95
N ASN A 297 -20.41 11.96 -10.14
CA ASN A 297 -19.33 12.56 -9.32
C ASN A 297 -18.11 12.60 -10.21
N PRO A 298 -17.63 13.80 -10.60
CA PRO A 298 -16.56 13.86 -11.60
C PRO A 298 -15.18 13.45 -11.09
N TYR A 299 -15.08 13.03 -9.80
CA TYR A 299 -13.79 12.77 -9.12
C TYR A 299 -13.52 11.28 -8.93
N VAL A 300 -14.47 10.41 -9.29
CA VAL A 300 -14.26 8.95 -9.09
C VAL A 300 -13.18 8.55 -10.09
N GLY A 301 -12.05 8.01 -9.60
CA GLY A 301 -10.93 7.65 -10.47
C GLY A 301 -10.02 8.82 -10.76
N GLN A 302 -10.31 9.98 -10.23
CA GLN A 302 -9.44 11.19 -10.42
C GLN A 302 -8.56 11.36 -9.18
N PHE A 303 -7.50 12.16 -9.31
CA PHE A 303 -6.56 12.45 -8.19
C PHE A 303 -6.01 11.12 -7.64
N VAL A 304 -5.41 10.37 -8.54
CA VAL A 304 -4.68 9.11 -8.28
C VAL A 304 -3.19 9.44 -8.32
N TYR A 305 -2.45 9.01 -7.32
CA TYR A 305 -1.07 9.47 -7.09
C TYR A 305 -0.14 8.30 -6.87
N ASP A 306 1.11 8.41 -7.33
CA ASP A 306 2.13 7.39 -6.98
C ASP A 306 3.40 8.12 -6.62
N ASN A 307 3.81 8.09 -5.35
CA ASN A 307 5.08 8.75 -4.93
C ASN A 307 6.25 8.16 -5.72
N PRO A 308 7.06 9.00 -6.43
CA PRO A 308 8.26 8.51 -7.10
C PRO A 308 9.23 7.84 -6.15
N ARG A 309 9.85 6.77 -6.66
CA ARG A 309 11.04 6.13 -6.09
C ARG A 309 12.23 6.36 -7.01
N ASN A 310 13.27 6.96 -6.48
CA ASN A 310 14.52 7.15 -7.22
C ASN A 310 15.61 6.52 -6.39
N PHE A 311 16.66 6.09 -7.06
CA PHE A 311 17.55 5.11 -6.43
C PHE A 311 18.87 5.00 -7.19
N ILE A 312 19.87 4.57 -6.44
CA ILE A 312 21.10 3.95 -7.02
C ILE A 312 21.32 2.59 -6.38
N ASN A 313 22.09 1.76 -7.07
CA ASN A 313 22.46 0.42 -6.58
C ASN A 313 23.97 0.31 -6.48
N ILE A 314 24.52 0.09 -5.28
CA ILE A 314 25.98 -0.12 -5.18
C ILE A 314 26.29 -1.62 -5.02
N LEU A 315 27.45 -2.01 -5.55
CA LEU A 315 27.97 -3.41 -5.55
C LEU A 315 29.26 -3.38 -4.76
N PRO A 316 29.18 -3.59 -3.43
CA PRO A 316 30.36 -3.68 -2.55
C PRO A 316 31.30 -4.77 -3.05
N PRO A 317 32.63 -4.52 -2.97
CA PRO A 317 33.64 -5.53 -3.34
C PRO A 317 33.68 -6.77 -2.42
N ASN A 318 33.10 -6.69 -1.22
CA ASN A 318 32.97 -7.79 -0.23
C ASN A 318 31.47 -8.01 -0.02
N PRO A 319 30.99 -9.24 0.19
CA PRO A 319 29.58 -9.46 0.45
C PRO A 319 29.02 -8.68 1.64
N ILE A 320 27.79 -8.19 1.49
CA ILE A 320 27.01 -7.60 2.60
C ILE A 320 25.85 -8.55 2.92
N GLU A 321 25.40 -8.51 4.15
CA GLU A 321 24.27 -9.32 4.68
C GLU A 321 22.97 -8.72 4.13
N ALA A 322 22.11 -9.53 3.56
CA ALA A 322 20.75 -9.10 3.13
C ALA A 322 19.99 -8.62 4.36
N SER A 323 19.16 -7.59 4.19
CA SER A 323 18.37 -6.99 5.30
C SER A 323 16.96 -6.61 4.84
N VAL A 324 16.04 -6.62 5.79
CA VAL A 324 14.72 -5.96 5.61
C VAL A 324 14.90 -4.49 6.01
N VAL A 325 14.12 -3.60 5.41
CA VAL A 325 14.25 -2.14 5.67
C VAL A 325 13.68 -1.85 7.04
N THR A 326 14.49 -1.22 7.91
CA THR A 326 14.02 -0.82 9.25
C THR A 326 14.50 0.57 9.64
N VAL A 327 15.47 1.14 8.94
CA VAL A 327 16.13 2.41 9.30
C VAL A 327 15.74 3.48 8.26
N LEU A 328 15.15 4.54 8.75
CA LEU A 328 14.55 5.57 7.89
C LEU A 328 15.26 6.90 8.15
N GLY A 329 15.56 7.60 7.06
CA GLY A 329 16.09 8.96 7.10
C GLY A 329 15.04 9.89 6.59
N ILE A 330 14.43 10.66 7.49
CA ILE A 330 13.24 11.49 7.19
C ILE A 330 13.62 12.99 7.17
N ARG A 331 13.23 13.65 6.10
CA ARG A 331 13.13 15.13 6.01
C ARG A 331 11.77 15.46 5.37
N SER A 332 11.35 16.71 5.48
CA SER A 332 10.03 17.09 4.94
C SER A 332 10.02 16.84 3.45
N ASP A 333 11.14 17.05 2.78
CA ASP A 333 11.16 17.05 1.30
C ASP A 333 11.62 15.72 0.70
N TYR A 334 11.98 14.72 1.51
CA TYR A 334 12.33 13.37 0.97
C TYR A 334 12.42 12.36 2.10
N TYR A 335 12.13 11.12 1.76
CA TYR A 335 12.15 10.01 2.76
C TYR A 335 13.09 8.95 2.20
N GLN A 336 14.10 8.54 2.96
CA GLN A 336 15.18 7.67 2.41
C GLN A 336 15.31 6.40 3.25
N VAL A 337 15.55 5.32 2.54
CA VAL A 337 15.88 3.99 3.11
C VAL A 337 16.93 3.29 2.22
N SER A 338 17.39 2.13 2.66
CA SER A 338 18.19 1.23 1.80
C SER A 338 17.90 -0.21 2.21
N ALA A 339 17.72 -1.07 1.20
CA ALA A 339 17.73 -2.53 1.36
C ALA A 339 19.06 -3.08 0.85
N SER A 340 19.58 -4.11 1.53
CA SER A 340 20.67 -4.97 1.02
C SER A 340 20.02 -6.25 0.50
N VAL A 341 20.37 -6.63 -0.73
CA VAL A 341 19.57 -7.53 -1.60
C VAL A 341 20.52 -8.59 -2.15
N LEU A 342 20.11 -9.86 -2.00
CA LEU A 342 20.86 -10.97 -2.64
C LEU A 342 20.71 -10.86 -4.15
N PRO A 343 21.70 -11.34 -4.92
CA PRO A 343 21.58 -11.32 -6.37
C PRO A 343 20.50 -12.32 -6.79
N PHE A 344 20.07 -12.21 -8.05
CA PHE A 344 18.99 -13.04 -8.64
C PHE A 344 19.18 -13.11 -10.17
N SER A 345 18.63 -14.14 -10.83
CA SER A 345 18.69 -14.24 -12.31
C SER A 345 17.31 -14.15 -12.98
N THR A 346 16.25 -14.04 -12.19
CA THR A 346 14.87 -13.77 -12.59
C THR A 346 14.52 -12.43 -11.97
N PRO A 347 14.16 -11.42 -12.76
CA PRO A 347 13.89 -10.10 -12.21
C PRO A 347 12.68 -10.12 -11.25
N LEU A 348 12.73 -9.22 -10.27
CA LEU A 348 11.62 -8.87 -9.36
C LEU A 348 10.79 -7.83 -10.10
N PHE A 349 9.63 -8.22 -10.57
CA PHE A 349 8.81 -7.29 -11.38
C PHE A 349 8.52 -6.06 -10.52
N SER A 350 8.79 -4.90 -11.11
CA SER A 350 8.54 -3.53 -10.58
C SER A 350 9.63 -3.08 -9.61
N LEU A 351 10.59 -3.94 -9.19
CA LEU A 351 11.75 -3.40 -8.41
C LEU A 351 12.42 -2.33 -9.25
N PHE A 352 12.72 -2.65 -10.51
CA PHE A 352 13.15 -1.65 -11.51
C PHE A 352 11.99 -1.35 -12.44
N PRO A 353 12.01 -0.18 -13.09
CA PRO A 353 10.83 0.32 -13.77
C PRO A 353 10.40 -0.51 -15.00
N THR A 354 11.31 -1.24 -15.63
CA THR A 354 11.00 -2.11 -16.80
C THR A 354 11.78 -3.40 -16.65
N THR A 355 11.40 -4.39 -17.49
CA THR A 355 12.01 -5.74 -17.56
C THR A 355 13.41 -5.57 -18.15
N SER A 356 13.65 -4.46 -18.87
CA SER A 356 14.94 -4.13 -19.53
C SER A 356 15.84 -3.43 -18.51
N TYR A 357 16.27 -4.16 -17.48
CA TYR A 357 17.18 -3.67 -16.41
C TYR A 357 18.23 -4.74 -16.19
N PRO A 358 19.52 -4.39 -15.97
CA PRO A 358 20.53 -5.37 -15.64
C PRO A 358 20.25 -6.27 -14.41
N LEU A 359 20.67 -7.54 -14.47
CA LEU A 359 20.61 -8.47 -13.32
C LEU A 359 21.87 -8.32 -12.48
N PRO A 360 21.73 -8.31 -11.13
CA PRO A 360 22.87 -8.26 -10.22
C PRO A 360 23.53 -9.63 -10.04
N ASN A 361 24.86 -9.66 -10.11
CA ASN A 361 25.67 -10.89 -10.01
C ASN A 361 26.16 -11.07 -8.59
N SER A 362 26.02 -10.05 -7.74
CA SER A 362 26.50 -10.09 -6.34
C SER A 362 25.54 -9.28 -5.46
N THR A 363 25.71 -9.40 -4.16
CA THR A 363 24.85 -8.68 -3.20
C THR A 363 24.98 -7.19 -3.48
N PHE A 364 23.87 -6.46 -3.45
CA PHE A 364 23.92 -5.02 -3.74
C PHE A 364 23.06 -4.28 -2.73
N ALA A 365 23.37 -3.00 -2.58
CA ALA A 365 22.60 -2.11 -1.72
C ALA A 365 21.73 -1.28 -2.64
N HIS A 366 20.42 -1.34 -2.46
CA HIS A 366 19.44 -0.51 -3.18
C HIS A 366 19.21 0.69 -2.28
N ILE A 367 19.66 1.87 -2.71
CA ILE A 367 19.65 3.09 -1.86
C ILE A 367 18.65 4.03 -2.49
N VAL A 368 17.67 4.44 -1.69
CA VAL A 368 16.39 4.95 -2.26
C VAL A 368 15.95 6.26 -1.60
N SER A 369 15.33 7.10 -2.40
CA SER A 369 14.64 8.31 -1.93
C SER A 369 13.22 8.37 -2.51
N GLN A 370 12.28 8.82 -1.68
CA GLN A 370 10.86 8.93 -2.01
C GLN A 370 10.48 10.41 -1.96
N VAL A 371 9.77 10.86 -2.99
CA VAL A 371 9.22 12.24 -3.09
C VAL A 371 7.93 12.27 -2.29
N PRO A 372 7.78 13.19 -1.33
CA PRO A 372 6.54 13.28 -0.56
C PRO A 372 5.38 13.84 -1.40
N GLY A 373 4.17 13.54 -0.93
CA GLY A 373 2.91 13.93 -1.56
C GLY A 373 2.33 12.77 -2.35
N PRO A 374 2.63 12.69 -3.67
CA PRO A 374 3.29 13.72 -4.47
C PRO A 374 2.22 14.72 -4.91
N LEU A 375 2.62 15.79 -5.59
CA LEU A 375 1.65 16.77 -6.15
C LEU A 375 1.19 16.40 -7.56
N SER A 376 2.00 15.64 -8.31
CA SER A 376 1.63 15.10 -9.64
C SER A 376 0.53 14.05 -9.44
N HIS A 377 -0.47 14.09 -10.30
CA HIS A 377 -1.56 13.08 -10.19
C HIS A 377 -2.07 12.71 -11.57
N GLY A 378 -2.78 11.59 -11.58
CA GLY A 378 -3.46 11.10 -12.77
C GLY A 378 -4.77 10.46 -12.40
N SER A 379 -5.04 9.33 -13.05
CA SER A 379 -6.42 8.79 -13.05
C SER A 379 -6.41 7.27 -13.26
N VAL A 380 -7.51 6.68 -12.87
CA VAL A 380 -7.93 5.26 -13.13
C VAL A 380 -9.15 5.36 -14.04
N THR A 381 -9.11 4.66 -15.17
CA THR A 381 -10.27 4.56 -16.11
C THR A 381 -10.52 3.09 -16.36
N LEU A 382 -11.72 2.75 -16.82
CA LEU A 382 -12.04 1.34 -17.12
C LEU A 382 -11.34 0.91 -18.42
N ASN A 383 -10.94 -0.34 -18.43
CA ASN A 383 -10.46 -1.03 -19.65
C ASN A 383 -11.58 -1.90 -20.21
N SER A 384 -12.50 -2.32 -19.37
CA SER A 384 -13.75 -3.02 -19.71
C SER A 384 -14.89 -2.32 -18.96
N SER A 385 -15.99 -2.11 -19.63
CA SER A 385 -17.24 -1.56 -19.03
C SER A 385 -18.02 -2.64 -18.26
N SER A 386 -17.57 -3.90 -18.21
CA SER A 386 -18.36 -4.99 -17.57
C SER A 386 -17.53 -5.87 -16.63
N ASP A 387 -16.28 -6.17 -16.95
CA ASP A 387 -15.57 -7.30 -16.30
C ASP A 387 -14.61 -6.74 -15.25
N VAL A 388 -14.89 -6.94 -13.97
CA VAL A 388 -14.00 -6.42 -12.88
C VAL A 388 -12.65 -7.14 -12.90
N ARG A 389 -12.57 -8.33 -13.48
CA ARG A 389 -11.29 -9.09 -13.54
C ARG A 389 -10.34 -8.43 -14.55
N ILE A 390 -10.83 -7.57 -15.44
CA ILE A 390 -9.97 -6.87 -16.44
C ILE A 390 -9.42 -5.60 -15.76
N ALA A 391 -8.11 -5.55 -15.59
CA ALA A 391 -7.46 -4.45 -14.84
C ALA A 391 -7.86 -3.11 -15.47
N PRO A 392 -8.05 -2.06 -14.65
CA PRO A 392 -8.22 -0.73 -15.21
C PRO A 392 -6.91 -0.16 -15.78
N ASN A 393 -7.06 0.91 -16.53
CA ASN A 393 -5.95 1.74 -17.02
C ASN A 393 -5.57 2.66 -15.87
N ILE A 394 -4.29 2.86 -15.65
CA ILE A 394 -3.86 3.79 -14.58
C ILE A 394 -2.68 4.58 -15.10
N LYS A 395 -2.72 5.87 -14.83
CA LYS A 395 -1.68 6.84 -15.24
C LYS A 395 -1.39 7.74 -14.05
N PHE A 396 -0.11 7.94 -13.72
CA PHE A 396 0.29 8.71 -12.51
C PHE A 396 0.85 10.09 -12.87
N ASN A 397 1.28 10.27 -14.12
CA ASN A 397 1.88 11.57 -14.56
C ASN A 397 3.08 11.96 -13.68
N TYR A 398 3.97 11.02 -13.44
CA TYR A 398 5.21 11.28 -12.65
C TYR A 398 5.85 12.60 -13.11
N TYR A 399 6.15 13.46 -12.15
CA TYR A 399 6.98 14.68 -12.32
C TYR A 399 6.30 15.66 -13.30
N SER A 400 4.98 15.58 -13.43
CA SER A 400 4.21 16.60 -14.17
C SER A 400 4.20 17.89 -13.35
N ASN A 401 4.23 17.76 -12.03
CA ASN A 401 4.35 18.91 -11.11
C ASN A 401 5.83 19.21 -10.82
N SER A 402 6.28 20.44 -11.14
CA SER A 402 7.72 20.81 -10.96
C SER A 402 8.17 20.73 -9.51
N THR A 403 7.27 20.90 -8.53
CA THR A 403 7.61 20.82 -7.11
C THR A 403 8.12 19.39 -6.82
N ASP A 404 7.45 18.39 -7.38
CA ASP A 404 7.93 17.00 -7.20
C ASP A 404 9.38 16.85 -7.71
N LEU A 405 9.67 17.41 -8.87
CA LEU A 405 11.00 17.31 -9.51
C LEU A 405 12.03 18.02 -8.63
N ALA A 406 11.74 19.24 -8.21
CA ALA A 406 12.67 19.94 -7.28
C ALA A 406 12.93 19.06 -6.05
N ASN A 407 11.89 18.40 -5.50
CA ASN A 407 12.07 17.57 -4.30
C ASN A 407 12.94 16.36 -4.62
N CYS A 408 12.85 15.79 -5.80
CA CYS A 408 13.69 14.64 -6.24
C CYS A 408 15.13 15.15 -6.34
N VAL A 409 15.36 16.33 -6.90
CA VAL A 409 16.75 16.89 -7.00
C VAL A 409 17.32 16.95 -5.58
N SER A 410 16.57 17.53 -4.61
CA SER A 410 17.03 17.63 -3.21
C SER A 410 17.35 16.25 -2.64
N GLY A 411 16.49 15.26 -2.93
CA GLY A 411 16.72 13.89 -2.42
C GLY A 411 17.95 13.22 -3.03
N MET A 412 18.17 13.41 -4.32
CA MET A 412 19.34 12.81 -5.02
C MET A 412 20.63 13.45 -4.49
N LYS A 413 20.64 14.75 -4.23
CA LYS A 413 21.81 15.43 -3.60
C LYS A 413 22.08 14.79 -2.26
N LYS A 414 21.04 14.51 -1.48
CA LYS A 414 21.20 13.87 -0.16
C LYS A 414 21.69 12.43 -0.32
N LEU A 415 21.23 11.66 -1.31
CA LEU A 415 21.83 10.31 -1.53
C LEU A 415 23.31 10.42 -1.89
N GLY A 416 23.74 11.42 -2.66
CA GLY A 416 25.18 11.65 -2.90
C GLY A 416 25.92 11.93 -1.58
N ASP A 417 25.32 12.76 -0.69
CA ASP A 417 25.90 12.99 0.66
C ASP A 417 26.06 11.65 1.39
N LEU A 418 25.04 10.79 1.37
CA LEU A 418 25.09 9.48 2.09
C LEU A 418 26.27 8.67 1.56
N LEU A 419 26.43 8.62 0.25
CA LEU A 419 27.49 7.79 -0.38
C LEU A 419 28.88 8.37 -0.05
N ARG A 420 28.99 9.65 0.31
CA ARG A 420 30.32 10.22 0.67
C ARG A 420 30.64 10.09 2.17
N THR A 421 29.79 9.46 2.98
CA THR A 421 30.00 9.32 4.44
C THR A 421 31.14 8.33 4.72
N LYS A 422 31.79 8.50 5.86
CA LYS A 422 32.73 7.47 6.41
C LYS A 422 32.00 6.16 6.65
N ALA A 423 30.71 6.20 6.98
CA ALA A 423 29.87 5.01 7.16
C ALA A 423 29.91 4.16 5.87
N LEU A 424 29.82 4.75 4.68
CA LEU A 424 29.63 3.97 3.41
C LEU A 424 30.99 3.72 2.75
N GLU A 425 32.06 4.40 3.19
CA GLU A 425 33.38 4.33 2.53
C GLU A 425 33.87 2.89 2.41
N PRO A 426 33.71 2.01 3.43
CA PRO A 426 34.25 0.65 3.34
C PRO A 426 33.61 -0.15 2.22
N TYR A 427 32.53 0.35 1.60
CA TYR A 427 31.74 -0.36 0.56
C TYR A 427 32.12 0.12 -0.84
N LYS A 428 33.13 0.97 -0.95
CA LYS A 428 33.71 1.37 -2.27
C LYS A 428 34.62 0.26 -2.81
N ALA A 429 34.71 0.13 -4.13
CA ALA A 429 35.64 -0.77 -4.87
C ALA A 429 37.02 -0.11 -4.96
N ARG A 430 37.07 1.23 -5.01
CA ARG A 430 38.36 1.99 -5.16
C ARG A 430 38.41 3.11 -4.13
N ASP A 431 39.55 3.22 -3.46
CA ASP A 431 39.83 4.28 -2.47
C ASP A 431 40.26 5.51 -3.25
N VAL A 432 39.30 6.21 -3.85
CA VAL A 432 39.48 7.52 -4.54
C VAL A 432 38.57 8.51 -3.83
N LEU A 433 38.69 9.79 -4.13
CA LEU A 433 37.96 10.81 -3.35
C LEU A 433 36.47 10.80 -3.64
N GLY A 434 36.05 10.42 -4.82
CA GLY A 434 34.63 10.65 -5.18
C GLY A 434 33.78 9.41 -5.01
N ILE A 435 32.49 9.58 -5.24
CA ILE A 435 31.55 8.42 -5.29
C ILE A 435 31.74 7.60 -6.57
N ASP A 436 32.66 7.96 -7.49
CA ASP A 436 32.96 7.08 -8.65
C ASP A 436 33.80 5.89 -8.15
N GLY A 437 34.20 5.88 -6.87
CA GLY A 437 34.88 4.75 -6.21
C GLY A 437 33.94 3.59 -5.98
N PHE A 438 32.64 3.82 -5.93
CA PHE A 438 31.69 2.66 -5.88
C PHE A 438 31.55 2.05 -7.26
N ASN A 439 31.21 0.77 -7.28
CA ASN A 439 30.68 0.09 -8.49
C ASN A 439 29.15 0.10 -8.42
N TYR A 440 28.52 0.43 -9.54
CA TYR A 440 27.05 0.60 -9.63
C TYR A 440 26.44 -0.51 -10.47
N LEU A 441 25.26 -0.94 -10.05
CA LEU A 441 24.32 -1.63 -10.95
C LEU A 441 23.37 -0.57 -11.48
N GLY A 442 23.33 -0.41 -12.80
CA GLY A 442 22.47 0.56 -13.49
C GLY A 442 23.09 1.94 -13.50
N VAL A 443 22.27 2.97 -13.45
CA VAL A 443 22.74 4.36 -13.66
C VAL A 443 23.25 4.96 -12.34
N PRO A 444 24.51 5.45 -12.29
CA PRO A 444 25.04 6.10 -11.11
C PRO A 444 24.50 7.52 -11.01
N LEU A 445 24.60 8.09 -9.80
CA LEU A 445 24.28 9.50 -9.51
C LEU A 445 25.20 10.42 -10.30
N PRO A 446 24.70 11.57 -10.77
CA PRO A 446 25.58 12.67 -11.17
C PRO A 446 26.73 12.94 -10.19
N GLN A 449 29.13 16.49 -12.65
CA GLN A 449 28.20 17.57 -13.06
C GLN A 449 27.00 17.54 -12.12
N THR A 450 26.77 18.61 -11.37
CA THR A 450 25.72 18.66 -10.33
C THR A 450 24.79 19.87 -10.57
N ASP A 451 24.68 20.34 -11.80
CA ASP A 451 23.70 21.39 -12.20
C ASP A 451 22.28 20.81 -12.13
N ASP A 452 21.27 21.68 -11.99
CA ASP A 452 19.87 21.21 -11.83
C ASP A 452 19.52 20.27 -12.98
N ALA A 453 19.96 20.57 -14.21
CA ALA A 453 19.48 19.79 -15.36
C ALA A 453 20.02 18.35 -15.26
N SER A 454 21.24 18.14 -14.73
CA SER A 454 21.81 16.78 -14.58
C SER A 454 20.99 15.97 -13.57
N PHE A 455 20.64 16.56 -12.44
CA PHE A 455 19.78 15.86 -11.45
C PHE A 455 18.33 15.66 -11.97
N GLU A 456 17.77 16.61 -12.72
CA GLU A 456 16.39 16.52 -13.21
C GLU A 456 16.33 15.38 -14.22
N THR A 457 17.38 15.28 -15.07
CA THR A 457 17.42 14.22 -16.09
C THR A 457 17.47 12.88 -15.37
N PHE A 458 18.26 12.80 -14.30
CA PHE A 458 18.42 11.52 -13.58
C PHE A 458 17.05 11.15 -13.00
N CYS A 459 16.40 12.13 -12.37
CA CYS A 459 15.11 11.91 -11.68
C CYS A 459 14.10 11.44 -12.71
N LEU A 460 14.02 12.12 -13.82
CA LEU A 460 12.96 11.84 -14.80
C LEU A 460 13.23 10.52 -15.47
N ASP A 461 14.47 10.26 -15.85
CA ASP A 461 14.75 9.06 -16.68
C ASP A 461 14.73 7.78 -15.84
N ASN A 462 14.94 7.83 -14.52
CA ASN A 462 15.23 6.60 -13.74
C ASN A 462 14.22 6.40 -12.61
N VAL A 463 13.05 7.01 -12.77
CA VAL A 463 11.95 6.89 -11.75
C VAL A 463 11.37 5.47 -11.80
N ALA A 464 11.02 4.99 -10.62
CA ALA A 464 10.26 3.74 -10.41
C ALA A 464 9.10 4.05 -9.45
N SER A 465 8.21 3.07 -9.28
CA SER A 465 7.13 3.20 -8.29
C SER A 465 7.66 2.96 -6.87
N TYR A 466 7.28 3.81 -5.91
CA TYR A 466 7.49 3.47 -4.47
C TYR A 466 6.48 2.41 -4.03
N TRP A 467 5.43 2.13 -4.80
CA TRP A 467 4.36 1.15 -4.47
C TRP A 467 3.40 1.75 -3.44
N HIS A 468 3.54 3.03 -3.09
CA HIS A 468 2.62 3.68 -2.11
C HIS A 468 1.54 4.54 -2.82
N TYR A 469 1.03 4.06 -3.94
CA TYR A 469 0.01 4.82 -4.71
C TYR A 469 -1.22 4.93 -3.82
N HIS A 470 -1.99 5.99 -4.07
CA HIS A 470 -3.15 6.38 -3.24
C HIS A 470 -4.07 7.26 -4.06
N GLY A 471 -5.28 7.46 -3.55
CA GLY A 471 -6.22 8.38 -4.22
C GLY A 471 -7.24 7.67 -5.10
N GLY A 472 -8.07 8.47 -5.74
CA GLY A 472 -9.07 7.92 -6.67
C GLY A 472 -10.46 7.99 -6.09
N SER A 473 -10.62 8.12 -4.75
CA SER A 473 -11.96 8.28 -4.11
C SER A 473 -11.81 9.23 -2.93
N LEU A 474 -11.32 10.45 -3.18
CA LEU A 474 -10.81 11.25 -2.06
C LEU A 474 -11.93 11.74 -1.12
N VAL A 475 -11.58 11.77 0.15
CA VAL A 475 -12.31 12.65 1.11
C VAL A 475 -12.24 14.05 0.52
N GLY A 476 -13.39 14.74 0.49
CA GLY A 476 -13.46 16.12 -0.01
C GLY A 476 -13.77 16.20 -1.49
N LYS A 477 -13.83 15.06 -2.18
CA LYS A 477 -14.11 15.02 -3.65
C LYS A 477 -15.23 14.00 -3.84
N VAL A 478 -15.00 12.76 -3.44
CA VAL A 478 -16.00 11.64 -3.52
C VAL A 478 -16.65 11.42 -2.16
N LEU A 479 -15.89 11.55 -1.06
CA LEU A 479 -16.36 11.13 0.27
C LEU A 479 -16.54 12.38 1.12
N ASP A 480 -17.41 12.26 2.10
CA ASP A 480 -17.41 13.22 3.24
C ASP A 480 -16.43 12.81 4.33
N ASP A 481 -16.42 13.58 5.44
CA ASP A 481 -15.43 13.35 6.53
C ASP A 481 -15.81 12.10 7.35
N SER A 482 -16.96 11.49 7.09
CA SER A 482 -17.39 10.18 7.64
C SER A 482 -17.09 9.03 6.68
N PHE A 483 -16.35 9.30 5.60
CA PHE A 483 -15.94 8.30 4.58
C PHE A 483 -17.18 7.81 3.80
N ARG A 484 -18.28 8.56 3.82
CA ARG A 484 -19.48 8.18 3.03
C ARG A 484 -19.34 8.72 1.61
N VAL A 485 -19.78 7.96 0.62
CA VAL A 485 -19.89 8.45 -0.79
C VAL A 485 -21.00 9.50 -0.83
N MET A 486 -20.66 10.72 -1.22
CA MET A 486 -21.62 11.85 -1.12
C MET A 486 -22.81 11.54 -2.01
N GLY A 487 -24.00 11.87 -1.51
CA GLY A 487 -25.28 11.66 -2.19
C GLY A 487 -25.84 10.24 -2.09
N ILE A 488 -25.13 9.30 -1.46
CA ILE A 488 -25.57 7.88 -1.40
C ILE A 488 -25.65 7.50 0.08
N LYS A 489 -26.74 6.86 0.49
CA LYS A 489 -26.85 6.26 1.85
C LYS A 489 -26.24 4.84 1.85
N ALA A 490 -25.72 4.42 3.00
CA ALA A 490 -25.31 3.01 3.22
C ALA A 490 -24.14 2.63 2.30
N LEU A 491 -23.31 3.59 1.88
CA LEU A 491 -22.07 3.30 1.10
C LEU A 491 -20.89 4.11 1.64
N ARG A 492 -19.81 3.44 2.00
CA ARG A 492 -18.54 4.10 2.44
C ARG A 492 -17.37 3.48 1.69
N VAL A 493 -16.25 4.17 1.77
CA VAL A 493 -14.95 3.79 1.17
C VAL A 493 -13.90 3.96 2.26
N VAL A 494 -13.16 2.89 2.57
CA VAL A 494 -12.04 2.96 3.55
C VAL A 494 -10.88 2.11 3.03
N ASP A 495 -9.84 2.80 2.60
CA ASP A 495 -8.60 2.19 2.02
C ASP A 495 -7.75 3.34 1.47
N ALA A 496 -6.64 3.05 0.78
CA ALA A 496 -5.69 4.08 0.31
C ALA A 496 -6.24 4.96 -0.80
N SER A 497 -7.47 4.73 -1.28
CA SER A 497 -8.13 5.61 -2.29
C SER A 497 -8.57 6.94 -1.66
N THR A 498 -8.48 7.10 -0.34
CA THR A 498 -9.24 8.14 0.41
C THR A 498 -8.46 9.45 0.57
N PHE A 499 -7.12 9.45 0.56
CA PHE A 499 -6.29 10.67 0.86
C PHE A 499 -5.34 10.98 -0.29
N PRO A 500 -5.15 12.27 -0.62
CA PRO A 500 -4.32 12.68 -1.76
C PRO A 500 -2.81 12.75 -1.45
N TYR A 501 -2.43 12.93 -0.20
CA TYR A 501 -1.01 13.03 0.18
C TYR A 501 -0.70 11.89 1.15
N GLU A 502 0.51 11.38 1.09
CA GLU A 502 0.88 10.24 1.95
C GLU A 502 0.83 10.69 3.41
N PRO A 503 0.37 9.84 4.35
CA PRO A 503 0.36 10.22 5.76
C PRO A 503 1.77 10.22 6.39
N ASN A 504 2.76 9.72 5.68
CA ASN A 504 4.13 9.41 6.18
C ASN A 504 4.88 8.69 5.04
N SER A 505 6.05 8.14 5.35
CA SER A 505 6.90 7.49 4.33
C SER A 505 6.36 6.10 3.95
N HIS A 506 5.65 5.48 4.85
CA HIS A 506 5.28 4.03 4.79
C HIS A 506 3.89 3.91 5.36
N PRO A 507 2.85 3.92 4.48
CA PRO A 507 1.48 4.14 4.93
C PRO A 507 0.67 2.95 5.46
N GLN A 508 1.21 1.72 5.44
CA GLN A 508 0.37 0.56 5.85
C GLN A 508 -0.10 0.79 7.28
N GLY A 509 0.72 1.35 8.18
CA GLY A 509 0.29 1.55 9.57
C GLY A 509 -0.91 2.47 9.66
N PHE A 510 -0.94 3.53 8.86
CA PHE A 510 -2.09 4.44 8.81
C PHE A 510 -3.33 3.68 8.33
N TYR A 511 -3.21 2.96 7.24
CA TYR A 511 -4.41 2.31 6.61
C TYR A 511 -4.90 1.13 7.44
N LEU A 512 -4.02 0.42 8.15
CA LEU A 512 -4.44 -0.60 9.14
C LEU A 512 -5.26 0.08 10.25
N MET A 513 -4.73 1.13 10.84
CA MET A 513 -5.44 1.92 11.87
C MET A 513 -6.78 2.38 11.29
N LEU A 514 -6.78 2.91 10.08
CA LEU A 514 -8.00 3.60 9.54
C LEU A 514 -9.17 2.59 9.42
N GLY A 515 -8.89 1.34 9.05
CA GLY A 515 -9.96 0.34 8.91
C GLY A 515 -10.72 0.16 10.21
N ARG A 516 -9.95 -0.03 11.32
CA ARG A 516 -10.57 -0.20 12.65
C ARG A 516 -11.19 1.12 13.09
N TYR A 517 -10.49 2.25 12.95
CA TYR A 517 -10.98 3.59 13.36
C TYR A 517 -12.36 3.85 12.74
N VAL A 518 -12.48 3.64 11.42
CA VAL A 518 -13.75 3.95 10.73
C VAL A 518 -14.77 2.92 11.18
N GLY A 519 -14.36 1.67 11.37
CA GLY A 519 -15.28 0.67 11.95
C GLY A 519 -15.87 1.18 13.27
N LEU A 520 -15.02 1.70 14.15
CA LEU A 520 -15.47 2.25 15.47
C LEU A 520 -16.38 3.48 15.28
N GLN A 521 -16.14 4.33 14.30
CA GLN A 521 -17.00 5.50 13.98
C GLN A 521 -18.37 5.03 13.48
N ILE A 522 -18.40 4.02 12.64
CA ILE A 522 -19.68 3.48 12.12
C ILE A 522 -20.51 2.98 13.31
N LEU A 523 -19.89 2.18 14.20
CA LEU A 523 -20.57 1.60 15.38
C LEU A 523 -21.08 2.71 16.29
N GLN A 524 -20.28 3.74 16.52
CA GLN A 524 -20.69 4.92 17.33
C GLN A 524 -21.85 5.68 16.64
N GLU A 525 -21.75 6.05 15.36
CA GLU A 525 -22.81 6.75 14.59
C GLU A 525 -24.13 5.99 14.69
N ARG A 526 -24.09 4.67 14.83
CA ARG A 526 -25.30 3.81 14.86
C ARG A 526 -25.90 3.67 16.28
N SER A 527 -25.11 3.86 17.33
CA SER A 527 -25.60 3.87 18.73
C SER A 527 -26.24 5.23 19.05
C1 NAG B . 4.60 16.50 8.78
C2 NAG B . 5.76 16.92 7.91
C3 NAG B . 5.83 18.47 7.89
C4 NAG B . 4.50 19.13 7.58
C5 NAG B . 3.36 18.54 8.44
C6 NAG B . 2.01 19.11 8.02
C7 NAG B . 7.76 15.51 7.89
C8 NAG B . 8.96 15.14 8.66
N2 NAG B . 7.01 16.43 8.46
O3 NAG B . 6.82 18.87 6.93
O4 NAG B . 4.57 20.53 7.90
O5 NAG B . 3.35 17.09 8.28
O6 NAG B . 1.74 18.64 6.69
O7 NAG B . 7.46 14.89 6.89
C1 NAG B . 4.47 21.36 6.75
C2 NAG B . 4.23 22.76 7.28
C3 NAG B . 4.26 23.74 6.15
C4 NAG B . 5.56 23.58 5.39
C5 NAG B . 5.88 22.16 4.95
C6 NAG B . 7.37 22.00 4.60
C7 NAG B . 2.96 22.94 9.33
C8 NAG B . 1.65 22.69 10.02
N2 NAG B . 2.98 22.74 8.02
O3 NAG B . 4.27 25.05 6.73
O4 NAG B . 5.56 24.48 4.28
O5 NAG B . 5.71 21.27 6.04
O6 NAG B . 7.53 21.31 3.36
O7 NAG B . 3.97 23.27 9.95
N1 E2Y C . 8.04 0.33 0.39
C4 E2Y C . 11.58 -1.79 0.59
C5 E2Y C . 11.49 -0.49 0.35
C6 E2Y C . 12.12 0.14 -0.89
C7 E2Y C . 14.10 -4.22 -1.80
C8 E2Y C . 12.62 -4.10 -0.15
C10 E2Y C . 14.15 -5.32 -2.84
C1 E2Y C . 12.83 -0.62 -1.66
C11 E2Y C . 15.52 -3.96 -1.38
C12 E2Y C . 9.14 0.26 0.71
C2 E2Y C . 13.00 -2.08 -1.40
C3 E2Y C . 12.42 -2.67 -0.34
C9 E2Y C . 10.56 0.24 1.23
O1 E2Y C . 13.79 -2.94 -2.33
O2 E2Y C . 13.56 -4.82 -0.72
O3 E2Y C . 10.91 1.50 1.57
C1 NAG D . 1.64 21.69 -8.50
C2 NAG D . 0.85 22.48 -9.51
C3 NAG D . 0.40 23.82 -8.94
C4 NAG D . -0.47 23.58 -7.70
C5 NAG D . -0.02 22.44 -6.80
C6 NAG D . -1.33 21.92 -6.19
C7 NAG D . 1.16 22.02 -11.86
C8 NAG D . 1.98 22.16 -13.12
N2 NAG D . 1.61 22.60 -10.73
O3 NAG D . -0.43 24.45 -9.92
O4 NAG D . -0.55 24.71 -6.82
O5 NAG D . 0.68 21.37 -7.49
O6 NAG D . -1.09 21.03 -5.09
O7 NAG D . 0.10 21.41 -11.86
C1 NAG E . -24.21 3.53 -26.64
C2 NAG E . -23.16 3.30 -27.68
C3 NAG E . -23.54 4.10 -28.92
C4 NAG E . -24.99 3.68 -29.31
C5 NAG E . -25.99 3.74 -28.18
C6 NAG E . -27.32 3.17 -28.61
C7 NAG E . -20.99 2.74 -26.68
C8 NAG E . -19.61 3.21 -26.42
N2 NAG E . -21.83 3.67 -27.21
O3 NAG E . -22.53 3.86 -29.95
O4 NAG E . -25.45 4.53 -30.36
O5 NAG E . -25.49 2.99 -27.08
O6 NAG E . -28.22 3.48 -27.54
O7 NAG E . -21.32 1.57 -26.49
C1 NAG F . 13.17 -17.85 16.58
C2 NAG F . 12.38 -18.95 17.27
C3 NAG F . 13.22 -19.38 18.47
C4 NAG F . 14.58 -19.87 17.97
C5 NAG F . 15.29 -18.90 17.00
C6 NAG F . 16.55 -19.38 16.28
C7 NAG F . 9.97 -18.83 16.68
C8 NAG F . 10.22 -19.54 15.39
N2 NAG F . 10.99 -18.55 17.53
O3 NAG F . 12.47 -20.40 19.15
O4 NAG F . 15.39 -20.09 19.12
O5 NAG F . 14.32 -18.46 16.02
O6 NAG F . 17.43 -18.30 15.88
O7 NAG F . 8.81 -18.55 16.97
C1 NAG G . -0.74 10.20 19.86
C2 NAG G . -0.70 11.41 20.79
C3 NAG G . 0.49 12.32 20.42
C4 NAG G . 1.79 11.53 20.24
C5 NAG G . 1.60 10.40 19.23
C6 NAG G . 2.82 9.54 19.05
C7 NAG G . -2.85 12.17 21.62
C8 NAG G . -4.09 12.91 21.34
N2 NAG G . -1.92 12.19 20.68
O3 NAG G . 0.61 13.27 21.52
O4 NAG G . 2.82 12.45 19.84
O5 NAG G . 0.54 9.57 19.77
O6 NAG G . 2.56 8.53 18.01
O7 NAG G . -2.70 11.52 22.66
C1 NAG H . -13.31 -23.01 -4.67
C2 NAG H . -11.81 -23.24 -4.66
C3 NAG H . -11.26 -23.46 -6.06
C4 NAG H . -11.96 -24.61 -6.73
C5 NAG H . -13.44 -24.32 -6.68
C6 NAG H . -14.16 -25.50 -7.35
C7 NAG H . -10.70 -21.97 -2.91
C8 NAG H . -10.11 -20.60 -2.65
N2 NAG H . -11.20 -22.06 -4.10
O3 NAG H . -9.88 -23.71 -5.94
O4 NAG H . -11.52 -24.78 -8.10
O5 NAG H . -13.88 -24.15 -5.32
O6 NAG H . -15.57 -25.30 -7.18
O7 NAG H . -10.78 -22.94 -2.14
PA FAD I . -4.98 -3.55 -0.36
O1A FAD I . -4.25 -4.01 0.86
O2A FAD I . -4.35 -3.90 -1.72
O5B FAD I . -6.43 -4.22 -0.26
C5B FAD I . -7.39 -4.22 -1.35
C4B FAD I . -7.91 -5.63 -1.41
O4B FAD I . -9.07 -5.61 -2.27
C3B FAD I . -6.95 -6.68 -1.99
O3B FAD I . -6.76 -7.83 -1.15
C2B FAD I . -7.58 -7.00 -3.35
O2B FAD I . -7.33 -8.31 -3.78
C1B FAD I . -9.06 -6.77 -3.08
N9A FAD I . -9.93 -6.48 -4.20
C8A FAD I . -9.75 -5.53 -5.22
N7A FAD I . -10.74 -5.47 -6.06
C5A FAD I . -11.67 -6.39 -5.53
C6A FAD I . -12.95 -6.77 -5.97
N6A FAD I . -13.56 -6.19 -7.00
N1A FAD I . -13.60 -7.73 -5.24
C2A FAD I . -12.97 -8.28 -4.20
N3A FAD I . -11.78 -7.99 -3.68
C4A FAD I . -11.19 -7.02 -4.41
N1 FAD I . 3.64 0.25 2.87
C2 FAD I . 4.31 0.38 4.00
O2 FAD I . 3.90 1.07 4.92
N3 FAD I . 5.45 -0.36 4.24
C4 FAD I . 6.06 -1.10 3.25
O4 FAD I . 7.12 -1.69 3.53
C4X FAD I . 5.41 -1.21 2.01
N5 FAD I . 5.95 -1.96 1.05
C5X FAD I . 5.22 -2.11 -0.10
C6 FAD I . 5.70 -2.99 -1.10
C7 FAD I . 4.91 -3.32 -2.17
C7M FAD I . 5.45 -4.27 -3.22
C8 FAD I . 3.59 -2.72 -2.31
C8M FAD I . 2.74 -2.99 -3.53
C9 FAD I . 3.19 -1.74 -1.40
C9A FAD I . 3.94 -1.51 -0.25
N10 FAD I . 3.48 -0.63 0.74
C10 FAD I . 4.16 -0.50 1.91
C1' FAD I . 2.20 0.09 0.55
C2' FAD I . 1.08 -0.41 1.38
O2' FAD I . 1.16 -1.78 1.63
C3' FAD I . -0.23 -0.10 0.66
O3' FAD I . -0.28 1.28 0.35
C4' FAD I . -1.46 -0.54 1.45
O4' FAD I . -1.27 -1.89 1.91
C5' FAD I . -2.73 -0.46 0.64
O5' FAD I . -3.86 -0.89 1.45
P FAD I . -5.34 -0.89 0.80
O1P FAD I . -6.23 -1.49 1.86
O2P FAD I . -5.68 0.39 0.13
O3P FAD I . -5.28 -2.00 -0.35
C1 PEG J . -1.30 14.69 18.49
O1 PEG J . -1.85 15.82 19.16
C2 PEG J . -1.93 14.50 17.18
O2 PEG J . -1.96 13.10 16.86
C3 PEG J . -2.90 12.39 17.67
C4 PEG J . -3.07 11.07 17.14
O4 PEG J . -4.25 10.98 16.43
C1 EDO K . 15.38 -11.36 3.26
O1 EDO K . 15.88 -12.67 3.07
C2 EDO K . 16.14 -10.55 4.23
O2 EDO K . 15.87 -10.89 5.59
C1 EDO L . 37.95 2.77 1.01
O1 EDO L . 38.40 1.68 0.21
C2 EDO L . 38.88 3.11 2.12
O2 EDO L . 38.46 2.64 3.39
#